data_8F2Q
#
_entry.id   8F2Q
#
_cell.length_a   78.197
_cell.length_b   90.188
_cell.length_c   100.512
_cell.angle_alpha   90.000
_cell.angle_beta   90.000
_cell.angle_gamma   90.000
#
_symmetry.space_group_name_H-M   'P 21 21 21'
#
loop_
_entity.id
_entity.type
_entity.pdbx_description
1 polymer 'Importin subunit alpha-1'
2 polymer 'Initiator protein NS1'
#
loop_
_entity_poly.entity_id
_entity_poly.type
_entity_poly.pdbx_seq_one_letter_code
_entity_poly.pdbx_strand_id
1 'polypeptide(L)'
;MHHHHHHSSGLVPRGSGMLETAAALFERNHMDSPDLGTDDDDLAMADIGSNQGTVNWSVEDIVKGINSNNLESQLQATQA
ARKLLSREKQPPIDNIIRAGLIPKFVSFLGKTDCSPIQFESAWALTNIASGTSEQTKAVVDGGAIPAFISLLASPHAHIS
EQAVWALGNIAGDGSAFRDLVIKHGAIDPLLALLAVPDLSTLACGYLRNLTWTLSNLCRNKNPAPPLDAVEQILPTLVRL
LHHNDPEVLADSCWAISYLTDGPNERIEMVVKKGVVPQLVKLLGATELPIVTPALRAIGNIVTGTDEQTQKVIDAGALAV
FPSLLTNPKTNIQKEATWTMSNITAGRQDQIQQVVNHGLVPFLVGVLSKADFKTQKEAAWAITNYTSGGTVEQIVYLVHC
GIIEPLMNLLSAKDTKIIQVILDAISNIFQAAEKLGETEKLSIMIEECGGLDKIEALQRHENESVYKASLNLIEKYFSVE
EEEDQNVVPETTSEGFAFQVQDGAPGTFNF
;
A
2 'polypeptide(L)' GACHAKKPRIT B,C
#
# COMPACT_ATOMS: atom_id res chain seq x y z
N GLY A 53 5.38 -42.50 -3.66
CA GLY A 53 4.67 -43.16 -4.80
C GLY A 53 4.19 -42.19 -5.85
N THR A 54 4.13 -40.90 -5.49
CA THR A 54 3.75 -39.83 -6.41
C THR A 54 4.83 -38.75 -6.48
N VAL A 55 6.06 -39.08 -6.10
CA VAL A 55 7.15 -38.11 -5.99
C VAL A 55 8.10 -38.28 -7.17
N ASN A 56 8.56 -37.15 -7.71
CA ASN A 56 9.58 -37.14 -8.77
C ASN A 56 9.07 -37.82 -10.03
N TRP A 57 7.82 -37.57 -10.39
CA TRP A 57 7.30 -38.07 -11.65
C TRP A 57 7.81 -37.20 -12.80
N SER A 58 7.59 -37.69 -14.02
CA SER A 58 7.86 -36.94 -15.23
C SER A 58 6.54 -36.43 -15.81
N VAL A 59 6.63 -35.34 -16.57
CA VAL A 59 5.43 -34.84 -17.23
C VAL A 59 4.89 -35.91 -18.18
N GLU A 60 5.77 -36.74 -18.74
CA GLU A 60 5.31 -37.85 -19.58
C GLU A 60 4.47 -38.82 -18.77
N ASP A 61 4.95 -39.21 -17.59
CA ASP A 61 4.20 -40.15 -16.75
C ASP A 61 2.90 -39.53 -16.26
N ILE A 62 2.95 -38.26 -15.82
CA ILE A 62 1.76 -37.57 -15.37
C ILE A 62 0.73 -37.52 -16.48
N VAL A 63 1.18 -37.26 -17.71
CA VAL A 63 0.25 -37.18 -18.83
C VAL A 63 -0.30 -38.56 -19.17
N LYS A 64 0.52 -39.60 -19.05
CA LYS A 64 0.03 -40.95 -19.33
C LYS A 64 -1.03 -41.37 -18.32
N GLY A 65 -0.89 -40.94 -17.08
CA GLY A 65 -1.88 -41.24 -16.05
C GLY A 65 -3.16 -40.44 -16.19
N ILE A 66 -3.03 -39.13 -16.47
CA ILE A 66 -4.22 -38.29 -16.60
C ILE A 66 -5.02 -38.66 -17.83
N ASN A 67 -4.37 -39.19 -18.86
CA ASN A 67 -5.05 -39.59 -20.09
C ASN A 67 -5.50 -41.04 -20.07
N SER A 68 -5.37 -41.72 -18.93
CA SER A 68 -6.00 -43.02 -18.77
C SER A 68 -7.48 -42.85 -18.49
N ASN A 69 -8.20 -43.96 -18.47
CA ASN A 69 -9.62 -43.97 -18.12
C ASN A 69 -9.85 -44.45 -16.69
N ASN A 70 -8.82 -44.42 -15.86
CA ASN A 70 -8.85 -44.93 -14.50
C ASN A 70 -8.81 -43.74 -13.55
N LEU A 71 -9.95 -43.46 -12.91
CA LEU A 71 -10.01 -42.29 -12.03
C LEU A 71 -8.95 -42.32 -10.95
N GLU A 72 -8.57 -43.52 -10.48
CA GLU A 72 -7.53 -43.61 -9.46
C GLU A 72 -6.14 -43.36 -10.07
N SER A 73 -5.90 -43.85 -11.28
CA SER A 73 -4.66 -43.50 -11.98
C SER A 73 -4.58 -42.00 -12.21
N GLN A 74 -5.70 -41.39 -12.61
CA GLN A 74 -5.73 -39.95 -12.82
C GLN A 74 -5.49 -39.20 -11.52
N LEU A 75 -6.06 -39.68 -10.41
CA LEU A 75 -5.81 -39.06 -9.12
C LEU A 75 -4.34 -39.13 -8.74
N GLN A 76 -3.71 -40.29 -8.96
CA GLN A 76 -2.28 -40.42 -8.69
C GLN A 76 -1.47 -39.45 -9.54
N ALA A 77 -1.80 -39.34 -10.83
CA ALA A 77 -1.04 -38.47 -11.71
C ALA A 77 -1.23 -37.01 -11.35
N THR A 78 -2.45 -36.61 -10.99
CA THR A 78 -2.70 -35.24 -10.58
C THR A 78 -1.99 -34.92 -9.27
N GLN A 79 -1.92 -35.88 -8.35
CA GLN A 79 -1.14 -35.66 -7.13
C GLN A 79 0.35 -35.51 -7.46
N ALA A 80 0.87 -36.30 -8.39
CA ALA A 80 2.26 -36.14 -8.80
C ALA A 80 2.49 -34.76 -9.41
N ALA A 81 1.51 -34.28 -10.18
CA ALA A 81 1.62 -32.94 -10.74
C ALA A 81 1.61 -31.88 -9.64
N ARG A 82 0.76 -32.07 -8.62
CA ARG A 82 0.73 -31.13 -7.51
C ARG A 82 2.08 -31.09 -6.81
N LYS A 83 2.67 -32.27 -6.57
CA LYS A 83 3.95 -32.31 -5.87
C LYS A 83 5.05 -31.69 -6.72
N LEU A 84 5.00 -31.89 -8.04
CA LEU A 84 5.95 -31.22 -8.92
C LEU A 84 5.80 -29.70 -8.81
N LEU A 85 4.58 -29.20 -8.95
CA LEU A 85 4.31 -27.78 -8.89
C LEU A 85 4.44 -27.21 -7.49
N SER A 86 4.66 -28.06 -6.47
CA SER A 86 4.84 -27.61 -5.10
C SER A 86 6.30 -27.47 -4.71
N ARG A 87 7.23 -27.61 -5.65
CA ARG A 87 8.65 -27.55 -5.36
C ARG A 87 9.15 -26.12 -5.48
N GLU A 88 10.01 -25.72 -4.54
CA GLU A 88 10.51 -24.35 -4.49
C GLU A 88 11.45 -24.04 -5.64
N LYS A 89 12.04 -25.05 -6.26
CA LYS A 89 13.09 -24.87 -7.26
C LYS A 89 12.51 -25.16 -8.64
N GLN A 90 12.23 -24.10 -9.39
CA GLN A 90 11.86 -24.18 -10.79
C GLN A 90 10.71 -25.17 -11.04
N PRO A 91 9.55 -24.93 -10.47
CA PRO A 91 8.38 -25.76 -10.80
C PRO A 91 8.10 -25.73 -12.29
N PRO A 92 7.97 -26.90 -12.93
CA PRO A 92 7.87 -26.92 -14.41
C PRO A 92 6.50 -26.49 -14.90
N ILE A 93 6.13 -25.24 -14.59
CA ILE A 93 4.81 -24.75 -14.95
C ILE A 93 4.62 -24.80 -16.46
N ASP A 94 5.63 -24.34 -17.21
CA ASP A 94 5.47 -24.23 -18.66
C ASP A 94 5.38 -25.61 -19.30
N ASN A 95 6.15 -26.58 -18.82
CA ASN A 95 6.04 -27.93 -19.34
C ASN A 95 4.64 -28.48 -19.12
N ILE A 96 4.10 -28.30 -17.92
CA ILE A 96 2.75 -28.78 -17.62
C ILE A 96 1.74 -28.10 -18.52
N ILE A 97 1.86 -26.79 -18.71
CA ILE A 97 0.92 -26.08 -19.59
C ILE A 97 0.99 -26.66 -20.99
N ARG A 98 2.20 -26.76 -21.54
CA ARG A 98 2.37 -27.26 -22.91
C ARG A 98 1.85 -28.68 -23.05
N ALA A 99 1.95 -29.50 -22.01
CA ALA A 99 1.43 -30.86 -22.07
C ALA A 99 -0.08 -30.90 -22.29
N GLY A 100 -0.78 -29.79 -22.04
CA GLY A 100 -2.21 -29.75 -22.24
C GLY A 100 -3.04 -30.19 -21.06
N LEU A 101 -2.54 -29.99 -19.83
CA LEU A 101 -3.16 -30.58 -18.65
C LEU A 101 -4.18 -29.68 -17.97
N ILE A 102 -4.04 -28.35 -18.16
CA ILE A 102 -4.96 -27.41 -17.46
C ILE A 102 -6.40 -27.77 -17.74
N PRO A 103 -6.79 -28.08 -18.97
CA PRO A 103 -8.19 -28.48 -19.19
C PRO A 103 -8.60 -29.69 -18.37
N LYS A 104 -7.73 -30.69 -18.25
CA LYS A 104 -8.08 -31.89 -17.50
C LYS A 104 -8.17 -31.59 -16.01
N PHE A 105 -7.28 -30.75 -15.49
CA PHE A 105 -7.37 -30.33 -14.10
C PHE A 105 -8.67 -29.57 -13.83
N VAL A 106 -9.02 -28.65 -14.74
CA VAL A 106 -10.26 -27.90 -14.58
C VAL A 106 -11.46 -28.83 -14.60
N SER A 107 -11.41 -29.87 -15.45
CA SER A 107 -12.51 -30.83 -15.48
C SER A 107 -12.56 -31.64 -14.19
N PHE A 108 -11.39 -31.99 -13.64
CA PHE A 108 -11.36 -32.69 -12.36
C PHE A 108 -11.96 -31.84 -11.24
N LEU A 109 -11.85 -30.51 -11.35
CA LEU A 109 -12.41 -29.66 -10.31
C LEU A 109 -13.92 -29.86 -10.15
N GLY A 110 -14.59 -30.42 -11.14
CA GLY A 110 -16.01 -30.69 -11.08
C GLY A 110 -16.40 -32.09 -10.65
N LYS A 111 -15.45 -32.92 -10.25
CA LYS A 111 -15.73 -34.29 -9.83
C LYS A 111 -16.01 -34.28 -8.33
N THR A 112 -17.24 -33.89 -7.97
CA THR A 112 -17.63 -33.90 -6.57
C THR A 112 -17.54 -35.29 -5.97
N ASP A 113 -17.67 -36.33 -6.81
CA ASP A 113 -17.64 -37.70 -6.30
C ASP A 113 -16.23 -38.10 -5.85
N CYS A 114 -15.19 -37.50 -6.43
CA CYS A 114 -13.80 -37.73 -6.03
C CYS A 114 -13.23 -36.40 -5.53
N SER A 115 -13.58 -36.07 -4.29
CA SER A 115 -13.06 -34.86 -3.65
C SER A 115 -11.55 -34.83 -3.63
N PRO A 116 -10.83 -35.95 -3.49
CA PRO A 116 -9.36 -35.85 -3.53
C PRO A 116 -8.81 -35.31 -4.84
N ILE A 117 -9.36 -35.72 -5.98
CA ILE A 117 -8.84 -35.20 -7.25
C ILE A 117 -9.22 -33.73 -7.40
N GLN A 118 -10.40 -33.34 -6.88
CA GLN A 118 -10.75 -31.92 -6.79
C GLN A 118 -9.66 -31.15 -6.07
N PHE A 119 -9.31 -31.59 -4.86
CA PHE A 119 -8.31 -30.89 -4.06
C PHE A 119 -6.97 -30.83 -4.77
N GLU A 120 -6.55 -31.94 -5.37
CA GLU A 120 -5.23 -31.99 -5.99
C GLU A 120 -5.15 -31.10 -7.23
N SER A 121 -6.18 -31.14 -8.09
CA SER A 121 -6.16 -30.26 -9.24
C SER A 121 -6.31 -28.80 -8.82
N ALA A 122 -7.06 -28.53 -7.75
CA ALA A 122 -7.14 -27.18 -7.23
C ALA A 122 -5.76 -26.67 -6.81
N TRP A 123 -5.02 -27.48 -6.07
CA TRP A 123 -3.66 -27.11 -5.67
C TRP A 123 -2.77 -26.88 -6.89
N ALA A 124 -2.83 -27.81 -7.86
CA ALA A 124 -2.01 -27.68 -9.05
C ALA A 124 -2.30 -26.36 -9.79
N LEU A 125 -3.59 -26.10 -10.04
CA LEU A 125 -3.95 -24.89 -10.77
C LEU A 125 -3.63 -23.64 -9.96
N THR A 126 -3.78 -23.71 -8.64
CA THR A 126 -3.36 -22.62 -7.78
C THR A 126 -1.91 -22.25 -8.05
N ASN A 127 -1.04 -23.25 -8.09
CA ASN A 127 0.39 -22.95 -8.26
C ASN A 127 0.72 -22.56 -9.70
N ILE A 128 -0.01 -23.07 -10.69
CA ILE A 128 0.17 -22.56 -12.06
C ILE A 128 -0.22 -21.08 -12.12
N ALA A 129 -1.37 -20.73 -11.54
CA ALA A 129 -1.85 -19.36 -11.55
C ALA A 129 -1.02 -18.44 -10.67
N SER A 130 -0.19 -18.99 -9.79
CA SER A 130 0.67 -18.17 -8.94
C SER A 130 1.81 -17.52 -9.70
N GLY A 131 2.03 -17.88 -10.97
CA GLY A 131 3.20 -17.47 -11.71
C GLY A 131 2.95 -16.24 -12.56
N THR A 132 3.46 -16.28 -13.80
CA THR A 132 3.40 -15.14 -14.70
C THR A 132 1.96 -14.89 -15.13
N SER A 133 1.76 -13.74 -15.79
CA SER A 133 0.43 -13.42 -16.30
C SER A 133 0.03 -14.37 -17.43
N GLU A 134 1.00 -14.82 -18.23
CA GLU A 134 0.66 -15.79 -19.28
C GLU A 134 0.23 -17.12 -18.67
N GLN A 135 0.84 -17.52 -17.56
CA GLN A 135 0.48 -18.77 -16.90
C GLN A 135 -0.91 -18.66 -16.26
N THR A 136 -1.13 -17.59 -15.51
CA THR A 136 -2.46 -17.33 -14.97
C THR A 136 -3.49 -17.24 -16.08
N LYS A 137 -3.11 -16.71 -17.24
CA LYS A 137 -4.03 -16.62 -18.35
C LYS A 137 -4.36 -18.00 -18.90
N ALA A 138 -3.37 -18.89 -18.93
CA ALA A 138 -3.66 -20.28 -19.28
C ALA A 138 -4.73 -20.86 -18.34
N VAL A 139 -4.53 -20.68 -17.04
CA VAL A 139 -5.51 -21.17 -16.06
C VAL A 139 -6.88 -20.60 -16.38
N VAL A 140 -6.98 -19.27 -16.53
CA VAL A 140 -8.28 -18.62 -16.72
C VAL A 140 -8.91 -19.08 -18.03
N ASP A 141 -8.11 -19.21 -19.09
CA ASP A 141 -8.61 -19.64 -20.38
C ASP A 141 -9.10 -21.07 -20.37
N GLY A 142 -8.62 -21.88 -19.43
CA GLY A 142 -9.16 -23.23 -19.28
C GLY A 142 -10.55 -23.29 -18.68
N GLY A 143 -11.12 -22.18 -18.25
CA GLY A 143 -12.43 -22.18 -17.64
C GLY A 143 -12.43 -22.40 -16.15
N ALA A 144 -11.35 -22.06 -15.45
CA ALA A 144 -11.21 -22.41 -14.05
C ALA A 144 -11.93 -21.45 -13.11
N ILE A 145 -12.23 -20.23 -13.53
CA ILE A 145 -12.84 -19.24 -12.63
C ILE A 145 -14.19 -19.76 -12.15
N PRO A 146 -15.13 -20.05 -13.05
CA PRO A 146 -16.43 -20.55 -12.59
C PRO A 146 -16.32 -21.82 -11.78
N ALA A 147 -15.37 -22.71 -12.12
CA ALA A 147 -15.23 -23.97 -11.40
C ALA A 147 -14.76 -23.74 -9.96
N PHE A 148 -13.80 -22.82 -9.77
CA PHE A 148 -13.35 -22.49 -8.43
C PHE A 148 -14.44 -21.80 -7.62
N ILE A 149 -15.23 -20.95 -8.27
CA ILE A 149 -16.33 -20.32 -7.55
C ILE A 149 -17.36 -21.37 -7.13
N SER A 150 -17.57 -22.38 -7.96
CA SER A 150 -18.45 -23.49 -7.54
C SER A 150 -17.84 -24.25 -6.36
N LEU A 151 -16.53 -24.45 -6.37
CA LEU A 151 -15.89 -25.16 -5.28
C LEU A 151 -15.93 -24.38 -3.98
N LEU A 152 -16.11 -23.06 -4.04
CA LEU A 152 -16.24 -22.28 -2.80
C LEU A 152 -17.34 -22.84 -1.89
N ALA A 153 -18.30 -23.58 -2.44
CA ALA A 153 -19.41 -24.14 -1.66
C ALA A 153 -19.15 -25.58 -1.23
N SER A 154 -17.91 -26.05 -1.28
CA SER A 154 -17.64 -27.45 -1.01
C SER A 154 -17.87 -27.76 0.47
N PRO A 155 -18.40 -28.95 0.79
CA PRO A 155 -18.46 -29.36 2.20
C PRO A 155 -17.09 -29.50 2.83
N HIS A 156 -16.05 -29.63 2.03
CA HIS A 156 -14.69 -29.84 2.50
C HIS A 156 -13.96 -28.50 2.55
N ALA A 157 -13.53 -28.11 3.76
CA ALA A 157 -12.90 -26.80 3.91
C ALA A 157 -11.52 -26.76 3.24
N HIS A 158 -10.83 -27.90 3.15
CA HIS A 158 -9.53 -27.88 2.50
C HIS A 158 -9.66 -27.68 0.99
N ILE A 159 -10.86 -27.86 0.43
CA ILE A 159 -11.09 -27.64 -0.99
C ILE A 159 -11.57 -26.21 -1.26
N SER A 160 -12.47 -25.71 -0.42
CA SER A 160 -12.89 -24.31 -0.56
C SER A 160 -11.75 -23.36 -0.24
N GLU A 161 -10.87 -23.73 0.70
CA GLU A 161 -9.68 -22.91 0.93
C GLU A 161 -8.82 -22.84 -0.32
N GLN A 162 -8.67 -23.95 -1.04
CA GLN A 162 -7.84 -23.93 -2.25
C GLN A 162 -8.51 -23.14 -3.35
N ALA A 163 -9.85 -23.22 -3.44
CA ALA A 163 -10.55 -22.37 -4.41
C ALA A 163 -10.36 -20.90 -4.09
N VAL A 164 -10.45 -20.53 -2.80
CA VAL A 164 -10.18 -19.16 -2.37
C VAL A 164 -8.77 -18.75 -2.78
N TRP A 165 -7.79 -19.61 -2.51
CA TRP A 165 -6.40 -19.32 -2.85
C TRP A 165 -6.23 -19.11 -4.35
N ALA A 166 -6.76 -20.03 -5.16
CA ALA A 166 -6.61 -19.93 -6.61
C ALA A 166 -7.27 -18.67 -7.16
N LEU A 167 -8.46 -18.34 -6.66
CA LEU A 167 -9.12 -17.13 -7.12
C LEU A 167 -8.36 -15.88 -6.65
N GLY A 168 -7.73 -15.95 -5.48
CA GLY A 168 -6.87 -14.85 -5.06
C GLY A 168 -5.71 -14.65 -6.01
N ASN A 169 -5.09 -15.75 -6.44
CA ASN A 169 -3.99 -15.67 -7.40
C ASN A 169 -4.46 -15.10 -8.73
N ILE A 170 -5.66 -15.52 -9.17
CA ILE A 170 -6.18 -15.02 -10.45
C ILE A 170 -6.47 -13.52 -10.36
N ALA A 171 -7.17 -13.10 -9.30
CA ALA A 171 -7.50 -11.68 -9.16
C ALA A 171 -6.25 -10.85 -8.93
N GLY A 172 -5.21 -11.41 -8.33
CA GLY A 172 -3.98 -10.68 -8.11
C GLY A 172 -3.18 -10.39 -9.37
N ASP A 173 -3.59 -10.94 -10.51
CA ASP A 173 -2.85 -10.69 -11.74
C ASP A 173 -3.02 -9.25 -12.21
N GLY A 174 -4.15 -8.64 -11.92
CA GLY A 174 -4.42 -7.29 -12.37
C GLY A 174 -5.91 -7.00 -12.36
N SER A 175 -6.24 -5.82 -12.87
CA SER A 175 -7.62 -5.35 -12.75
C SER A 175 -8.57 -6.15 -13.64
N ALA A 176 -8.13 -6.57 -14.83
CA ALA A 176 -9.03 -7.26 -15.74
C ALA A 176 -9.47 -8.60 -15.17
N PHE A 177 -8.51 -9.42 -14.71
CA PHE A 177 -8.87 -10.71 -14.13
C PHE A 177 -9.61 -10.53 -12.80
N ARG A 178 -9.29 -9.49 -12.03
CA ARG A 178 -10.05 -9.20 -10.82
C ARG A 178 -11.51 -8.95 -11.15
N ASP A 179 -11.76 -8.08 -12.14
CA ASP A 179 -13.14 -7.76 -12.52
C ASP A 179 -13.83 -8.96 -13.15
N LEU A 180 -13.08 -9.86 -13.79
CA LEU A 180 -13.69 -11.06 -14.34
C LEU A 180 -14.08 -12.04 -13.23
N VAL A 181 -13.24 -12.16 -12.20
CA VAL A 181 -13.60 -12.96 -11.04
C VAL A 181 -14.83 -12.39 -10.37
N ILE A 182 -14.94 -11.05 -10.33
CA ILE A 182 -16.11 -10.42 -9.71
C ILE A 182 -17.35 -10.60 -10.58
N LYS A 183 -17.19 -10.63 -11.91
CA LYS A 183 -18.33 -10.83 -12.78
C LYS A 183 -18.86 -12.25 -12.70
N HIS A 184 -17.98 -13.23 -12.50
CA HIS A 184 -18.42 -14.61 -12.33
C HIS A 184 -19.11 -14.86 -11.00
N GLY A 185 -19.10 -13.87 -10.09
CA GLY A 185 -19.90 -13.93 -8.89
C GLY A 185 -19.20 -14.52 -7.68
N ALA A 186 -17.96 -14.10 -7.45
CA ALA A 186 -17.15 -14.67 -6.37
C ALA A 186 -17.39 -14.00 -5.01
N ILE A 187 -17.86 -12.75 -4.99
CA ILE A 187 -17.89 -12.00 -3.74
C ILE A 187 -18.94 -12.57 -2.80
N ASP A 188 -20.13 -12.86 -3.31
CA ASP A 188 -21.17 -13.43 -2.45
C ASP A 188 -20.69 -14.71 -1.79
N PRO A 189 -20.26 -15.74 -2.53
CA PRO A 189 -19.80 -16.97 -1.86
C PRO A 189 -18.55 -16.78 -1.01
N LEU A 190 -17.69 -15.82 -1.34
CA LEU A 190 -16.51 -15.59 -0.51
C LEU A 190 -16.90 -14.98 0.83
N LEU A 191 -17.72 -13.94 0.82
CA LEU A 191 -18.14 -13.32 2.09
C LEU A 191 -19.04 -14.26 2.88
N ALA A 192 -19.78 -15.14 2.20
CA ALA A 192 -20.59 -16.11 2.93
C ALA A 192 -19.72 -17.01 3.82
N LEU A 193 -18.50 -17.32 3.39
CA LEU A 193 -17.61 -18.14 4.21
C LEU A 193 -17.22 -17.44 5.51
N LEU A 194 -17.34 -16.11 5.57
CA LEU A 194 -17.02 -15.34 6.76
C LEU A 194 -18.26 -14.94 7.55
N ALA A 195 -19.43 -15.44 7.17
CA ALA A 195 -20.68 -15.10 7.83
C ALA A 195 -20.85 -15.97 9.07
N VAL A 196 -20.04 -15.67 10.08
CA VAL A 196 -20.04 -16.41 11.34
C VAL A 196 -20.20 -15.44 12.49
N PRO A 197 -20.78 -15.87 13.62
CA PRO A 197 -20.88 -14.95 14.77
C PRO A 197 -19.54 -14.44 15.24
N ASP A 198 -18.58 -15.33 15.44
CA ASP A 198 -17.22 -14.99 15.84
C ASP A 198 -16.24 -15.56 14.84
N LEU A 199 -15.39 -14.69 14.29
CA LEU A 199 -14.41 -15.15 13.31
C LEU A 199 -13.39 -16.10 13.91
N SER A 200 -13.21 -16.07 15.24
CA SER A 200 -12.22 -16.91 15.89
C SER A 200 -12.59 -18.39 15.84
N THR A 201 -13.80 -18.74 15.43
CA THR A 201 -14.18 -20.14 15.28
C THR A 201 -13.64 -20.74 14.00
N LEU A 202 -13.28 -19.92 13.02
CA LEU A 202 -12.67 -20.40 11.80
C LEU A 202 -11.22 -20.78 12.06
N ALA A 203 -10.57 -21.31 11.02
CA ALA A 203 -9.19 -21.76 11.13
C ALA A 203 -8.24 -20.64 10.71
N CYS A 204 -7.11 -20.53 11.43
CA CYS A 204 -6.16 -19.46 11.17
C CYS A 204 -5.85 -19.35 9.68
N GLY A 205 -5.42 -20.46 9.06
CA GLY A 205 -5.04 -20.40 7.66
C GLY A 205 -6.21 -20.10 6.74
N TYR A 206 -7.36 -20.69 7.03
CA TYR A 206 -8.56 -20.42 6.23
C TYR A 206 -8.88 -18.93 6.22
N LEU A 207 -8.92 -18.32 7.40
CA LEU A 207 -9.23 -16.90 7.51
C LEU A 207 -8.14 -16.04 6.88
N ARG A 208 -6.88 -16.43 7.06
CA ARG A 208 -5.80 -15.67 6.45
C ARG A 208 -5.90 -15.67 4.93
N ASN A 209 -6.21 -16.83 4.34
CA ASN A 209 -6.32 -16.90 2.88
C ASN A 209 -7.55 -16.15 2.39
N LEU A 210 -8.66 -16.22 3.13
CA LEU A 210 -9.83 -15.44 2.76
C LEU A 210 -9.55 -13.94 2.78
N THR A 211 -8.90 -13.48 3.86
CA THR A 211 -8.54 -12.07 3.97
C THR A 211 -7.62 -11.66 2.83
N TRP A 212 -6.64 -12.51 2.49
CA TRP A 212 -5.72 -12.19 1.41
C TRP A 212 -6.47 -12.06 0.07
N THR A 213 -7.26 -13.07 -0.28
CA THR A 213 -7.99 -13.02 -1.54
C THR A 213 -8.92 -11.81 -1.58
N LEU A 214 -9.52 -11.46 -0.44
CA LEU A 214 -10.37 -10.28 -0.41
C LEU A 214 -9.57 -9.02 -0.66
N SER A 215 -8.38 -8.92 -0.07
CA SER A 215 -7.53 -7.76 -0.32
C SER A 215 -7.12 -7.68 -1.78
N ASN A 216 -6.95 -8.83 -2.46
CA ASN A 216 -6.60 -8.80 -3.88
C ASN A 216 -7.77 -8.40 -4.75
N LEU A 217 -9.00 -8.52 -4.27
CA LEU A 217 -10.16 -8.00 -4.98
C LEU A 217 -10.35 -6.51 -4.76
N CYS A 218 -9.67 -5.94 -3.76
CA CYS A 218 -9.62 -4.50 -3.56
C CYS A 218 -8.41 -3.86 -4.21
N ARG A 219 -7.55 -4.65 -4.83
CA ARG A 219 -6.23 -4.23 -5.27
C ARG A 219 -6.24 -3.82 -6.73
N ASN A 220 -5.14 -3.18 -7.15
CA ASN A 220 -4.93 -2.74 -8.52
C ASN A 220 -5.80 -1.53 -8.86
N LYS A 221 -5.36 -0.73 -9.81
CA LYS A 221 -6.08 0.43 -10.30
C LYS A 221 -6.07 0.41 -11.83
N ASN A 222 -6.72 1.41 -12.42
CA ASN A 222 -6.82 1.50 -13.87
C ASN A 222 -7.40 0.21 -14.45
N PRO A 223 -8.68 -0.08 -14.20
CA PRO A 223 -9.62 0.66 -13.34
C PRO A 223 -9.49 0.27 -11.87
N ALA A 224 -10.13 1.01 -10.98
CA ALA A 224 -10.20 0.62 -9.59
C ALA A 224 -11.34 -0.38 -9.41
N PRO A 225 -11.37 -1.09 -8.28
CA PRO A 225 -12.39 -2.12 -8.09
C PRO A 225 -13.78 -1.52 -8.23
N PRO A 226 -14.73 -2.29 -8.75
CA PRO A 226 -16.09 -1.76 -8.93
C PRO A 226 -16.68 -1.26 -7.62
N LEU A 227 -17.39 -0.14 -7.70
CA LEU A 227 -17.91 0.52 -6.49
C LEU A 227 -18.87 -0.39 -5.75
N ASP A 228 -19.81 -1.01 -6.45
CA ASP A 228 -20.72 -1.95 -5.80
C ASP A 228 -19.94 -3.05 -5.09
N ALA A 229 -18.83 -3.50 -5.70
CA ALA A 229 -18.02 -4.53 -5.08
C ALA A 229 -17.37 -4.03 -3.79
N VAL A 230 -16.80 -2.82 -3.83
CA VAL A 230 -16.19 -2.26 -2.64
C VAL A 230 -17.23 -2.11 -1.53
N GLU A 231 -18.44 -1.66 -1.90
CA GLU A 231 -19.48 -1.50 -0.90
C GLU A 231 -19.88 -2.84 -0.31
N GLN A 232 -19.92 -3.88 -1.13
CA GLN A 232 -20.26 -5.21 -0.63
C GLN A 232 -19.19 -5.75 0.30
N ILE A 233 -17.92 -5.45 0.01
CA ILE A 233 -16.81 -6.05 0.74
C ILE A 233 -16.48 -5.29 2.02
N LEU A 234 -16.59 -3.97 2.02
CA LEU A 234 -16.14 -3.15 3.15
C LEU A 234 -16.66 -3.63 4.50
N PRO A 235 -17.96 -3.91 4.67
CA PRO A 235 -18.44 -4.34 6.00
C PRO A 235 -17.66 -5.50 6.57
N THR A 236 -17.38 -6.53 5.76
CA THR A 236 -16.56 -7.64 6.22
C THR A 236 -15.13 -7.22 6.49
N LEU A 237 -14.61 -6.28 5.71
CA LEU A 237 -13.25 -5.80 5.93
C LEU A 237 -13.13 -5.15 7.30
N VAL A 238 -14.18 -4.44 7.74
CA VAL A 238 -14.13 -3.78 9.04
C VAL A 238 -14.02 -4.81 10.16
N ARG A 239 -14.86 -5.86 10.10
CA ARG A 239 -14.74 -6.97 11.03
C ARG A 239 -13.32 -7.50 11.04
N LEU A 240 -12.78 -7.81 9.87
CA LEU A 240 -11.43 -8.39 9.82
C LEU A 240 -10.40 -7.43 10.39
N LEU A 241 -10.62 -6.12 10.23
CA LEU A 241 -9.74 -5.13 10.82
C LEU A 241 -9.84 -5.11 12.34
N HIS A 242 -10.92 -5.64 12.90
CA HIS A 242 -11.04 -5.78 14.35
C HIS A 242 -10.72 -7.20 14.85
N HIS A 243 -10.06 -8.02 14.04
CA HIS A 243 -9.66 -9.36 14.45
C HIS A 243 -8.31 -9.32 15.17
N ASN A 244 -7.96 -10.42 15.82
CA ASN A 244 -6.78 -10.45 16.69
C ASN A 244 -5.55 -11.07 16.04
N ASP A 245 -5.68 -11.71 14.88
CA ASP A 245 -4.53 -12.34 14.24
C ASP A 245 -3.74 -11.30 13.46
N PRO A 246 -2.44 -11.11 13.73
CA PRO A 246 -1.71 -10.03 13.04
C PRO A 246 -1.66 -10.17 11.53
N GLU A 247 -1.71 -11.40 10.99
CA GLU A 247 -1.72 -11.55 9.53
C GLU A 247 -3.02 -11.04 8.93
N VAL A 248 -4.14 -11.42 9.54
CA VAL A 248 -5.44 -10.89 9.10
C VAL A 248 -5.45 -9.38 9.17
N LEU A 249 -4.89 -8.82 10.25
CA LEU A 249 -4.86 -7.37 10.40
C LEU A 249 -4.00 -6.73 9.33
N ALA A 250 -2.86 -7.34 9.00
CA ALA A 250 -1.97 -6.75 8.01
C ALA A 250 -2.60 -6.76 6.62
N ASP A 251 -3.19 -7.89 6.24
CA ASP A 251 -3.83 -7.95 4.92
C ASP A 251 -5.07 -7.06 4.87
N SER A 252 -5.79 -6.92 5.99
CA SER A 252 -6.94 -6.03 6.03
C SER A 252 -6.52 -4.58 5.88
N CYS A 253 -5.43 -4.19 6.55
CA CYS A 253 -4.90 -2.85 6.39
C CYS A 253 -4.43 -2.62 4.96
N TRP A 254 -3.80 -3.63 4.34
CA TRP A 254 -3.41 -3.51 2.94
C TRP A 254 -4.64 -3.28 2.06
N ALA A 255 -5.71 -4.02 2.31
CA ALA A 255 -6.94 -3.84 1.54
C ALA A 255 -7.44 -2.41 1.68
N ILE A 256 -7.58 -1.93 2.91
CA ILE A 256 -8.03 -0.56 3.13
C ILE A 256 -7.10 0.43 2.44
N SER A 257 -5.80 0.13 2.42
CA SER A 257 -4.84 1.00 1.77
C SER A 257 -5.07 1.05 0.27
N TYR A 258 -5.40 -0.08 -0.34
CA TYR A 258 -5.74 -0.09 -1.75
C TYR A 258 -6.99 0.73 -2.01
N LEU A 259 -8.04 0.48 -1.22
CA LEU A 259 -9.31 1.16 -1.45
C LEU A 259 -9.20 2.67 -1.28
N THR A 260 -8.24 3.13 -0.48
CA THR A 260 -8.08 4.56 -0.22
C THR A 260 -7.15 5.24 -1.20
N ASP A 261 -6.51 4.49 -2.09
CA ASP A 261 -5.57 5.06 -3.07
C ASP A 261 -6.34 5.45 -4.32
N GLY A 262 -6.92 6.64 -4.29
CA GLY A 262 -7.66 7.13 -5.42
C GLY A 262 -8.49 8.36 -5.10
N PRO A 263 -9.46 8.66 -5.97
CA PRO A 263 -10.28 9.86 -5.77
C PRO A 263 -10.95 9.87 -4.39
N ASN A 264 -11.34 11.08 -3.97
CA ASN A 264 -11.85 11.27 -2.62
C ASN A 264 -13.17 10.56 -2.37
N GLU A 265 -13.83 10.07 -3.42
CA GLU A 265 -15.06 9.30 -3.21
C GLU A 265 -14.74 7.94 -2.63
N ARG A 266 -13.62 7.35 -3.03
CA ARG A 266 -13.16 6.09 -2.44
C ARG A 266 -12.74 6.30 -0.99
N ILE A 267 -11.88 7.30 -0.76
CA ILE A 267 -11.51 7.67 0.59
C ILE A 267 -12.76 7.88 1.43
N GLU A 268 -13.81 8.44 0.84
CA GLU A 268 -15.02 8.71 1.61
C GLU A 268 -15.80 7.44 1.90
N MET A 269 -15.91 6.53 0.93
CA MET A 269 -16.49 5.22 1.20
C MET A 269 -15.84 4.61 2.43
N VAL A 270 -14.50 4.67 2.48
CA VAL A 270 -13.79 4.04 3.59
C VAL A 270 -14.01 4.81 4.88
N VAL A 271 -13.78 6.13 4.86
CA VAL A 271 -13.85 6.94 6.07
C VAL A 271 -15.24 6.91 6.68
N LYS A 272 -16.28 6.86 5.84
CA LYS A 272 -17.65 6.81 6.32
C LYS A 272 -17.97 5.52 7.08
N LYS A 273 -17.09 4.53 7.03
CA LYS A 273 -17.29 3.29 7.74
C LYS A 273 -16.72 3.33 9.16
N GLY A 274 -16.02 4.39 9.53
CA GLY A 274 -15.50 4.53 10.88
C GLY A 274 -14.25 3.71 11.15
N VAL A 275 -13.35 3.62 10.19
CA VAL A 275 -12.15 2.80 10.34
C VAL A 275 -10.94 3.61 10.79
N VAL A 276 -10.95 4.94 10.61
CA VAL A 276 -9.77 5.74 10.94
C VAL A 276 -9.31 5.51 12.37
N PRO A 277 -10.18 5.51 13.39
CA PRO A 277 -9.69 5.27 14.75
C PRO A 277 -8.94 3.95 14.88
N GLN A 278 -9.45 2.89 14.24
CA GLN A 278 -8.80 1.59 14.33
C GLN A 278 -7.48 1.58 13.55
N LEU A 279 -7.42 2.28 12.42
CA LEU A 279 -6.16 2.38 11.70
C LEU A 279 -5.12 3.12 12.53
N VAL A 280 -5.56 4.14 13.28
CA VAL A 280 -4.62 4.86 14.14
C VAL A 280 -4.18 4.00 15.30
N LYS A 281 -5.07 3.14 15.80
CA LYS A 281 -4.67 2.18 16.84
C LYS A 281 -3.62 1.21 16.31
N LEU A 282 -3.84 0.68 15.10
CA LEU A 282 -2.87 -0.25 14.51
C LEU A 282 -1.60 0.45 14.08
N LEU A 283 -1.64 1.77 13.88
CA LEU A 283 -0.44 2.53 13.58
C LEU A 283 0.57 2.46 14.72
N GLY A 284 0.13 2.20 15.94
CA GLY A 284 0.99 2.03 17.07
C GLY A 284 1.34 0.59 17.39
N ALA A 285 1.01 -0.35 16.50
CA ALA A 285 1.34 -1.75 16.71
C ALA A 285 2.86 -1.94 16.73
N THR A 286 3.28 -3.03 17.37
CA THR A 286 4.69 -3.38 17.42
C THR A 286 5.14 -4.20 16.22
N GLU A 287 4.19 -4.72 15.43
CA GLU A 287 4.51 -5.49 14.23
C GLU A 287 4.53 -4.54 13.04
N LEU A 288 5.72 -4.27 12.51
CA LEU A 288 5.85 -3.46 11.30
C LEU A 288 4.97 -3.95 10.16
N PRO A 289 4.77 -5.26 9.95
CA PRO A 289 3.88 -5.72 8.87
C PRO A 289 2.49 -5.14 8.97
N ILE A 290 2.07 -4.74 10.16
CA ILE A 290 0.77 -4.08 10.32
C ILE A 290 0.90 -2.57 10.21
N VAL A 291 2.01 -2.01 10.69
CA VAL A 291 2.15 -0.56 10.71
C VAL A 291 2.31 -0.01 9.30
N THR A 292 3.03 -0.73 8.45
CA THR A 292 3.26 -0.25 7.09
C THR A 292 1.96 -0.04 6.32
N PRO A 293 1.08 -1.05 6.18
CA PRO A 293 -0.18 -0.81 5.47
C PRO A 293 -1.06 0.22 6.16
N ALA A 294 -1.05 0.26 7.49
CA ALA A 294 -1.86 1.24 8.22
C ALA A 294 -1.37 2.66 7.93
N LEU A 295 -0.05 2.86 7.98
CA LEU A 295 0.50 4.18 7.68
C LEU A 295 0.20 4.57 6.24
N ARG A 296 0.24 3.61 5.32
CA ARG A 296 -0.10 3.93 3.93
C ARG A 296 -1.56 4.34 3.79
N ALA A 297 -2.46 3.64 4.48
CA ALA A 297 -3.88 4.00 4.40
C ALA A 297 -4.13 5.38 4.98
N ILE A 298 -3.53 5.68 6.13
CA ILE A 298 -3.71 7.00 6.74
C ILE A 298 -3.14 8.08 5.84
N GLY A 299 -1.94 7.85 5.28
CA GLY A 299 -1.36 8.81 4.37
C GLY A 299 -2.17 9.01 3.11
N ASN A 300 -2.90 7.98 2.68
CA ASN A 300 -3.79 8.13 1.53
C ASN A 300 -5.02 8.94 1.88
N ILE A 301 -5.58 8.71 3.07
CA ILE A 301 -6.74 9.48 3.51
C ILE A 301 -6.38 10.95 3.67
N VAL A 302 -5.11 11.23 4.00
CA VAL A 302 -4.67 12.63 4.14
C VAL A 302 -4.46 13.31 2.79
N THR A 303 -4.60 12.60 1.68
CA THR A 303 -4.48 13.21 0.36
C THR A 303 -5.79 13.79 -0.15
N GLY A 304 -6.87 13.64 0.60
CA GLY A 304 -8.18 14.09 0.18
C GLY A 304 -8.55 15.43 0.79
N THR A 305 -9.81 15.57 1.17
CA THR A 305 -10.32 16.83 1.67
C THR A 305 -9.68 17.17 3.02
N ASP A 306 -9.82 18.44 3.42
CA ASP A 306 -9.36 18.85 4.74
C ASP A 306 -10.22 18.24 5.84
N GLU A 307 -11.50 17.98 5.55
CA GLU A 307 -12.36 17.32 6.52
C GLU A 307 -11.92 15.87 6.73
N GLN A 308 -11.58 15.18 5.63
CA GLN A 308 -11.08 13.82 5.75
C GLN A 308 -9.76 13.79 6.53
N THR A 309 -8.87 14.74 6.27
CA THR A 309 -7.64 14.85 7.04
C THR A 309 -7.92 15.12 8.52
N GLN A 310 -8.94 15.93 8.80
CA GLN A 310 -9.30 16.20 10.18
C GLN A 310 -9.77 14.92 10.86
N LYS A 311 -10.47 14.05 10.13
CA LYS A 311 -10.86 12.76 10.70
C LYS A 311 -9.63 12.02 11.24
N VAL A 312 -8.50 12.10 10.52
CA VAL A 312 -7.30 11.43 10.97
C VAL A 312 -6.71 12.14 12.17
N ILE A 313 -6.70 13.47 12.15
CA ILE A 313 -6.20 14.22 13.30
C ILE A 313 -7.06 13.94 14.53
N ASP A 314 -8.39 13.98 14.36
CA ASP A 314 -9.30 13.76 15.48
C ASP A 314 -9.17 12.36 16.05
N ALA A 315 -8.69 11.39 15.27
CA ALA A 315 -8.57 10.02 15.75
C ALA A 315 -7.33 9.80 16.60
N GLY A 316 -6.40 10.76 16.64
CA GLY A 316 -5.20 10.65 17.43
C GLY A 316 -3.95 10.30 16.66
N ALA A 317 -4.00 10.34 15.33
CA ALA A 317 -2.88 9.90 14.53
C ALA A 317 -1.61 10.65 14.87
N LEU A 318 -1.72 11.95 15.17
CA LEU A 318 -0.53 12.79 15.31
C LEU A 318 0.29 12.38 16.53
N ALA A 319 -0.33 11.79 17.54
CA ALA A 319 0.43 11.38 18.72
C ALA A 319 1.37 10.21 18.44
N VAL A 320 1.21 9.53 17.30
CA VAL A 320 2.09 8.41 16.94
C VAL A 320 3.27 8.85 16.09
N PHE A 321 3.26 10.07 15.56
CA PHE A 321 4.24 10.49 14.58
C PHE A 321 5.61 10.82 15.18
N PRO A 322 5.72 11.10 16.48
CA PRO A 322 7.07 11.19 17.07
C PRO A 322 7.87 9.92 16.89
N SER A 323 7.22 8.76 16.94
CA SER A 323 7.92 7.50 16.74
C SER A 323 8.06 7.18 15.25
N LEU A 324 7.04 7.49 14.46
CA LEU A 324 7.10 7.21 13.03
C LEU A 324 8.18 8.04 12.34
N LEU A 325 8.38 9.28 12.78
CA LEU A 325 9.37 10.17 12.19
C LEU A 325 10.77 9.92 12.72
N THR A 326 10.95 8.99 13.66
CA THR A 326 12.26 8.54 14.11
C THR A 326 12.42 7.03 13.92
N ASN A 327 11.53 6.43 13.13
CA ASN A 327 11.49 4.97 13.01
C ASN A 327 12.75 4.44 12.35
N PRO A 328 13.29 3.32 12.81
CA PRO A 328 14.49 2.75 12.17
C PRO A 328 14.28 2.37 10.72
N LYS A 329 13.05 2.11 10.28
CA LYS A 329 12.80 1.75 8.89
C LYS A 329 12.71 3.00 8.03
N THR A 330 13.48 3.01 6.94
CA THR A 330 13.53 4.18 6.08
C THR A 330 12.18 4.47 5.44
N ASN A 331 11.45 3.43 5.07
CA ASN A 331 10.18 3.65 4.38
C ASN A 331 9.09 4.11 5.34
N ILE A 332 9.14 3.71 6.60
CA ILE A 332 8.22 4.26 7.59
C ILE A 332 8.45 5.75 7.73
N GLN A 333 9.71 6.16 7.85
CA GLN A 333 10.03 7.58 7.96
C GLN A 333 9.58 8.34 6.72
N LYS A 334 9.83 7.77 5.54
CA LYS A 334 9.43 8.44 4.31
C LYS A 334 7.91 8.60 4.23
N GLU A 335 7.17 7.52 4.48
CA GLU A 335 5.71 7.60 4.46
C GLU A 335 5.20 8.62 5.48
N ALA A 336 5.78 8.61 6.68
CA ALA A 336 5.30 9.51 7.73
C ALA A 336 5.60 10.96 7.41
N THR A 337 6.78 11.24 6.85
CA THR A 337 7.12 12.61 6.50
C THR A 337 6.28 13.08 5.31
N TRP A 338 5.98 12.20 4.36
CA TRP A 338 5.10 12.55 3.26
C TRP A 338 3.70 12.88 3.75
N THR A 339 3.17 12.04 4.64
CA THR A 339 1.87 12.32 5.24
C THR A 339 1.88 13.65 6.00
N MET A 340 2.96 13.92 6.74
CA MET A 340 3.09 15.21 7.42
C MET A 340 3.08 16.36 6.42
N SER A 341 3.76 16.18 5.28
CA SER A 341 3.77 17.22 4.25
C SER A 341 2.37 17.47 3.72
N ASN A 342 1.54 16.42 3.66
CA ASN A 342 0.16 16.64 3.23
C ASN A 342 -0.72 17.19 4.34
N ILE A 343 -0.31 17.07 5.61
CA ILE A 343 -1.05 17.71 6.69
C ILE A 343 -0.68 19.19 6.77
N THR A 344 0.61 19.52 6.67
CA THR A 344 1.02 20.91 6.63
C THR A 344 0.51 21.63 5.39
N ALA A 345 0.01 20.90 4.40
CA ALA A 345 -0.63 21.49 3.23
C ALA A 345 -2.11 21.72 3.42
N GLY A 346 -2.61 21.61 4.65
CA GLY A 346 -4.01 21.84 4.94
C GLY A 346 -4.27 23.15 5.65
N ARG A 347 -5.30 23.18 6.49
CA ARG A 347 -5.73 24.42 7.12
C ARG A 347 -4.77 24.83 8.23
N GLN A 348 -4.93 26.08 8.70
CA GLN A 348 -4.05 26.60 9.74
C GLN A 348 -4.37 26.02 11.10
N ASP A 349 -5.63 25.61 11.33
CA ASP A 349 -5.93 24.88 12.57
C ASP A 349 -5.25 23.51 12.57
N GLN A 350 -5.05 22.92 11.39
CA GLN A 350 -4.36 21.63 11.32
C GLN A 350 -2.86 21.80 11.45
N ILE A 351 -2.31 22.85 10.83
CA ILE A 351 -0.91 23.20 11.09
C ILE A 351 -0.70 23.47 12.58
N GLN A 352 -1.71 24.05 13.23
CA GLN A 352 -1.62 24.30 14.66
C GLN A 352 -1.67 23.00 15.45
N GLN A 353 -2.45 22.02 14.97
CA GLN A 353 -2.43 20.70 15.60
C GLN A 353 -1.05 20.07 15.48
N VAL A 354 -0.41 20.23 14.33
CA VAL A 354 0.96 19.74 14.17
C VAL A 354 1.88 20.39 15.19
N VAL A 355 1.84 21.74 15.26
CA VAL A 355 2.66 22.46 16.22
C VAL A 355 2.41 21.95 17.64
N ASN A 356 1.13 21.83 18.00
CA ASN A 356 0.76 21.50 19.37
C ASN A 356 1.27 20.14 19.79
N HIS A 357 1.39 19.20 18.86
CA HIS A 357 1.87 17.86 19.18
C HIS A 357 3.39 17.78 19.21
N GLY A 358 4.08 18.90 19.09
CA GLY A 358 5.54 18.90 19.17
C GLY A 358 6.22 18.26 17.99
N LEU A 359 5.60 18.31 16.81
CA LEU A 359 6.10 17.64 15.63
C LEU A 359 6.99 18.53 14.76
N VAL A 360 6.98 19.84 14.97
CA VAL A 360 7.92 20.70 14.26
C VAL A 360 9.36 20.34 14.59
N PRO A 361 9.73 20.12 15.86
CA PRO A 361 11.09 19.65 16.13
C PRO A 361 11.45 18.36 15.41
N PHE A 362 10.49 17.43 15.27
CA PHE A 362 10.79 16.17 14.60
C PHE A 362 11.00 16.39 13.10
N LEU A 363 10.25 17.32 12.50
CA LEU A 363 10.48 17.66 11.10
C LEU A 363 11.82 18.36 10.93
N VAL A 364 12.23 19.18 11.90
CA VAL A 364 13.57 19.75 11.86
C VAL A 364 14.61 18.65 11.91
N GLY A 365 14.39 17.65 12.78
CA GLY A 365 15.32 16.54 12.87
C GLY A 365 15.42 15.74 11.59
N VAL A 366 14.29 15.60 10.88
CA VAL A 366 14.32 14.83 9.64
C VAL A 366 15.08 15.59 8.55
N LEU A 367 14.93 16.91 8.50
CA LEU A 367 15.71 17.69 7.53
C LEU A 367 17.19 17.75 7.90
N SER A 368 17.54 17.38 9.12
CA SER A 368 18.93 17.40 9.55
C SER A 368 19.64 16.08 9.29
N LYS A 369 18.91 14.97 9.27
CA LYS A 369 19.53 13.66 9.06
C LYS A 369 18.44 12.67 8.67
N ALA A 370 18.52 12.16 7.44
CA ALA A 370 17.59 11.16 6.95
C ALA A 370 17.98 10.79 5.52
N ASP A 371 17.35 9.74 5.00
CA ASP A 371 17.43 9.41 3.59
C ASP A 371 17.03 10.63 2.77
N PHE A 372 17.73 10.87 1.66
CA PHE A 372 17.44 12.05 0.87
C PHE A 372 15.97 12.10 0.45
N LYS A 373 15.35 10.94 0.26
CA LYS A 373 13.93 10.92 -0.09
C LYS A 373 13.08 11.44 1.07
N THR A 374 13.37 10.98 2.29
CA THR A 374 12.67 11.49 3.46
C THR A 374 12.97 12.97 3.67
N GLN A 375 14.22 13.38 3.44
CA GLN A 375 14.58 14.79 3.55
C GLN A 375 13.79 15.64 2.56
N LYS A 376 13.57 15.11 1.35
CA LYS A 376 12.82 15.85 0.34
C LYS A 376 11.36 15.99 0.73
N GLU A 377 10.76 14.89 1.23
CA GLU A 377 9.39 14.99 1.71
C GLU A 377 9.29 15.97 2.88
N ALA A 378 10.33 16.04 3.71
CA ALA A 378 10.36 17.01 4.79
C ALA A 378 10.42 18.44 4.26
N ALA A 379 11.24 18.66 3.23
CA ALA A 379 11.31 19.99 2.62
C ALA A 379 9.95 20.39 2.07
N TRP A 380 9.25 19.45 1.43
CA TRP A 380 7.89 19.73 0.95
C TRP A 380 6.97 20.09 2.11
N ALA A 381 7.07 19.34 3.21
CA ALA A 381 6.28 19.65 4.39
C ALA A 381 6.52 21.08 4.86
N ILE A 382 7.80 21.50 4.88
CA ILE A 382 8.14 22.83 5.35
C ILE A 382 7.59 23.90 4.41
N THR A 383 7.80 23.71 3.12
CA THR A 383 7.29 24.68 2.15
C THR A 383 5.78 24.83 2.27
N ASN A 384 5.07 23.71 2.41
CA ASN A 384 3.62 23.77 2.55
C ASN A 384 3.22 24.47 3.85
N TYR A 385 3.94 24.20 4.93
CA TYR A 385 3.68 24.86 6.21
C TYR A 385 3.84 26.38 6.08
N THR A 386 4.91 26.82 5.41
CA THR A 386 5.17 28.25 5.29
C THR A 386 4.22 28.92 4.31
N SER A 387 3.70 28.18 3.33
CA SER A 387 2.83 28.78 2.34
C SER A 387 1.45 29.10 2.91
N GLY A 388 0.93 28.23 3.77
CA GLY A 388 -0.42 28.38 4.26
C GLY A 388 -0.53 28.52 5.76
N GLY A 389 0.57 28.87 6.43
CA GLY A 389 0.56 29.07 7.85
C GLY A 389 0.54 30.55 8.22
N THR A 390 0.18 30.81 9.48
CA THR A 390 0.22 32.17 9.98
C THR A 390 1.67 32.64 10.09
N VAL A 391 1.83 33.95 10.30
CA VAL A 391 3.17 34.48 10.55
C VAL A 391 3.73 33.88 11.83
N GLU A 392 2.95 33.92 12.91
CA GLU A 392 3.39 33.35 14.18
C GLU A 392 3.90 31.92 14.02
N GLN A 393 3.21 31.11 13.23
CA GLN A 393 3.64 29.73 13.03
C GLN A 393 4.98 29.66 12.32
N ILE A 394 5.20 30.53 11.35
CA ILE A 394 6.49 30.56 10.65
C ILE A 394 7.60 30.99 11.61
N VAL A 395 7.29 31.92 12.51
CA VAL A 395 8.28 32.32 13.52
C VAL A 395 8.62 31.14 14.41
N TYR A 396 7.61 30.35 14.78
CA TYR A 396 7.86 29.14 15.56
C TYR A 396 8.78 28.20 14.80
N LEU A 397 8.53 28.02 13.50
CA LEU A 397 9.42 27.22 12.66
C LEU A 397 10.86 27.68 12.82
N VAL A 398 11.10 28.98 12.65
CA VAL A 398 12.48 29.46 12.70
C VAL A 398 13.05 29.30 14.11
N HIS A 399 12.23 29.46 15.14
CA HIS A 399 12.71 29.29 16.51
C HIS A 399 13.02 27.82 16.83
N CYS A 400 12.45 26.88 16.09
CA CYS A 400 12.78 25.47 16.32
C CYS A 400 14.08 25.05 15.64
N GLY A 401 14.56 25.82 14.67
CA GLY A 401 15.87 25.57 14.09
C GLY A 401 15.81 25.05 12.67
N ILE A 402 14.90 25.58 11.87
CA ILE A 402 14.69 25.05 10.54
C ILE A 402 15.71 25.59 9.54
N ILE A 403 16.27 26.78 9.81
CA ILE A 403 17.03 27.49 8.79
C ILE A 403 18.28 26.71 8.40
N GLU A 404 19.12 26.34 9.38
CA GLU A 404 20.37 25.69 9.03
C GLU A 404 20.14 24.33 8.39
N PRO A 405 19.30 23.45 8.93
CA PRO A 405 19.02 22.19 8.22
C PRO A 405 18.48 22.40 6.82
N LEU A 406 17.71 23.46 6.60
CA LEU A 406 17.18 23.74 5.26
C LEU A 406 18.28 24.21 4.32
N MET A 407 19.22 25.00 4.83
CA MET A 407 20.24 25.60 3.99
C MET A 407 21.34 24.61 3.62
N ASN A 408 21.64 23.66 4.50
CA ASN A 408 22.62 22.63 4.18
C ASN A 408 22.12 21.68 3.09
N LEU A 409 20.84 21.75 2.75
CA LEU A 409 20.27 20.96 1.67
C LEU A 409 20.27 21.71 0.34
N LEU A 410 20.68 22.97 0.32
CA LEU A 410 20.85 23.70 -0.93
C LEU A 410 22.16 23.34 -1.63
N SER A 411 22.79 22.24 -1.21
CA SER A 411 23.97 21.70 -1.86
C SER A 411 23.66 20.39 -2.58
N ALA A 412 22.38 20.08 -2.77
CA ALA A 412 21.98 18.83 -3.40
C ALA A 412 21.83 19.00 -4.90
N LYS A 413 22.05 17.90 -5.63
CA LYS A 413 21.98 17.94 -7.09
C LYS A 413 20.55 17.96 -7.60
N ASP A 414 19.63 17.36 -6.86
CA ASP A 414 18.22 17.41 -7.25
C ASP A 414 17.76 18.86 -7.38
N THR A 415 17.12 19.17 -8.51
CA THR A 415 16.68 20.55 -8.74
C THR A 415 15.40 20.86 -7.97
N LYS A 416 14.43 19.93 -8.00
CA LYS A 416 13.15 20.19 -7.35
C LYS A 416 13.35 20.61 -5.90
N ILE A 417 14.11 19.83 -5.14
CA ILE A 417 14.30 20.13 -3.72
C ILE A 417 14.85 21.54 -3.54
N ILE A 418 15.75 21.96 -4.43
CA ILE A 418 16.26 23.33 -4.37
C ILE A 418 15.12 24.32 -4.55
N GLN A 419 14.24 24.05 -5.52
CA GLN A 419 13.11 24.96 -5.73
C GLN A 419 12.21 25.01 -4.50
N VAL A 420 11.96 23.86 -3.88
CA VAL A 420 11.07 23.80 -2.72
C VAL A 420 11.70 24.57 -1.55
N ILE A 421 12.99 24.33 -1.30
CA ILE A 421 13.68 25.02 -0.23
C ILE A 421 13.65 26.52 -0.45
N LEU A 422 13.92 26.97 -1.68
CA LEU A 422 13.98 28.39 -1.95
C LEU A 422 12.60 29.03 -1.80
N ASP A 423 11.54 28.34 -2.24
CA ASP A 423 10.19 28.84 -2.01
C ASP A 423 9.91 28.98 -0.52
N ALA A 424 10.39 28.04 0.28
CA ALA A 424 10.20 28.13 1.72
C ALA A 424 10.96 29.31 2.32
N ILE A 425 12.21 29.51 1.87
CA ILE A 425 12.98 30.66 2.34
C ILE A 425 12.25 31.95 1.99
N SER A 426 11.73 32.03 0.77
CA SER A 426 10.98 33.21 0.37
C SER A 426 9.77 33.43 1.27
N ASN A 427 9.02 32.36 1.56
CA ASN A 427 7.85 32.50 2.41
C ASN A 427 8.25 33.01 3.80
N ILE A 428 9.34 32.48 4.35
CA ILE A 428 9.77 32.90 5.68
C ILE A 428 10.21 34.36 5.65
N PHE A 429 10.90 34.78 4.58
CA PHE A 429 11.30 36.18 4.47
C PHE A 429 10.08 37.09 4.40
N GLN A 430 9.09 36.72 3.57
CA GLN A 430 7.88 37.52 3.49
C GLN A 430 7.18 37.62 4.84
N ALA A 431 7.14 36.53 5.59
CA ALA A 431 6.61 36.59 6.95
C ALA A 431 7.43 37.52 7.82
N ALA A 432 8.74 37.60 7.56
CA ALA A 432 9.60 38.48 8.35
C ALA A 432 9.36 39.96 8.03
N GLU A 433 8.99 40.27 6.78
CA GLU A 433 8.66 41.65 6.43
C GLU A 433 7.47 42.14 7.26
N LYS A 434 6.42 41.33 7.36
CA LYS A 434 5.27 41.70 8.17
C LYS A 434 5.64 41.95 9.62
N LEU A 435 6.82 41.48 10.05
CA LEU A 435 7.33 41.76 11.38
C LEU A 435 8.50 42.74 11.36
N GLY A 436 9.06 43.05 10.19
CA GLY A 436 10.15 43.98 10.10
C GLY A 436 11.46 43.47 10.67
N GLU A 437 11.73 42.17 10.52
CA GLU A 437 12.92 41.54 11.07
C GLU A 437 13.61 40.73 9.98
N THR A 438 13.58 41.23 8.75
CA THR A 438 14.23 40.52 7.65
C THR A 438 15.75 40.58 7.77
N GLU A 439 16.29 41.57 8.49
CA GLU A 439 17.73 41.63 8.69
C GLU A 439 18.21 40.54 9.63
N LYS A 440 17.43 40.24 10.67
CA LYS A 440 17.77 39.11 11.54
C LYS A 440 17.79 37.81 10.75
N LEU A 441 16.75 37.59 9.92
CA LEU A 441 16.72 36.43 9.05
C LEU A 441 17.93 36.40 8.12
N SER A 442 18.31 37.56 7.59
CA SER A 442 19.43 37.61 6.66
C SER A 442 20.73 37.25 7.36
N ILE A 443 20.95 37.81 8.54
CA ILE A 443 22.14 37.48 9.33
C ILE A 443 22.15 35.99 9.63
N MET A 444 20.99 35.43 9.98
CA MET A 444 20.91 34.01 10.26
C MET A 444 21.32 33.19 9.04
N ILE A 445 20.68 33.47 7.90
CA ILE A 445 20.93 32.70 6.67
C ILE A 445 22.36 32.89 6.21
N GLU A 446 22.98 34.00 6.56
CA GLU A 446 24.36 34.27 6.16
C GLU A 446 25.38 33.67 7.13
N GLU A 447 24.98 33.42 8.38
CA GLU A 447 25.89 32.92 9.40
C GLU A 447 25.91 31.41 9.48
N CYS A 448 25.01 30.71 8.79
CA CYS A 448 25.05 29.27 8.67
C CYS A 448 25.66 28.81 7.34
N GLY A 449 26.09 29.75 6.50
CA GLY A 449 26.59 29.42 5.18
C GLY A 449 25.54 29.44 4.10
N GLY A 450 24.46 30.18 4.28
CA GLY A 450 23.35 30.15 3.35
C GLY A 450 23.49 31.09 2.18
N LEU A 451 23.89 32.33 2.46
CA LEU A 451 24.01 33.32 1.39
C LEU A 451 24.96 32.83 0.31
N ASP A 452 26.05 32.17 0.70
CA ASP A 452 26.93 31.55 -0.28
C ASP A 452 26.15 30.59 -1.17
N LYS A 453 25.28 29.78 -0.56
CA LYS A 453 24.54 28.79 -1.33
C LYS A 453 23.60 29.46 -2.33
N ILE A 454 22.83 30.45 -1.87
CA ILE A 454 21.87 31.09 -2.77
C ILE A 454 22.60 31.83 -3.90
N GLU A 455 23.68 32.53 -3.55
CA GLU A 455 24.49 33.20 -4.55
C GLU A 455 24.98 32.22 -5.61
N ALA A 456 25.52 31.08 -5.18
CA ALA A 456 25.97 30.09 -6.15
C ALA A 456 24.80 29.53 -6.96
N LEU A 457 23.63 29.41 -6.34
CA LEU A 457 22.46 28.90 -7.04
C LEU A 457 22.07 29.81 -8.20
N GLN A 458 22.35 31.11 -8.07
CA GLN A 458 22.17 31.99 -9.23
C GLN A 458 22.84 31.39 -10.48
N ARG A 459 24.06 30.90 -10.33
CA ARG A 459 24.82 30.29 -11.45
C ARG A 459 24.47 28.83 -11.66
N HIS A 460 23.20 28.47 -11.53
CA HIS A 460 22.74 27.10 -11.66
C HIS A 460 22.13 26.88 -13.03
N GLU A 461 22.33 25.66 -13.57
CA GLU A 461 21.88 25.35 -14.92
C GLU A 461 20.39 25.66 -15.09
N ASN A 462 19.57 25.34 -14.11
CA ASN A 462 18.15 25.60 -14.20
C ASN A 462 17.91 27.11 -14.25
N GLU A 463 16.72 27.47 -14.71
CA GLU A 463 16.34 28.87 -14.85
C GLU A 463 15.54 29.36 -13.66
N SER A 464 14.51 28.61 -13.25
CA SER A 464 13.73 29.00 -12.08
C SER A 464 14.62 29.13 -10.86
N VAL A 465 15.59 28.23 -10.71
CA VAL A 465 16.53 28.32 -9.60
C VAL A 465 17.28 29.65 -9.66
N TYR A 466 17.85 29.98 -10.82
CA TYR A 466 18.60 31.23 -10.95
C TYR A 466 17.74 32.42 -10.55
N LYS A 467 16.52 32.51 -11.10
CA LYS A 467 15.72 33.71 -10.89
C LYS A 467 15.24 33.82 -9.45
N ALA A 468 14.77 32.72 -8.86
CA ALA A 468 14.38 32.75 -7.45
C ALA A 468 15.57 33.14 -6.58
N SER A 469 16.72 32.50 -6.80
CA SER A 469 17.92 32.83 -6.04
C SER A 469 18.22 34.31 -6.13
N LEU A 470 18.15 34.88 -7.34
CA LEU A 470 18.52 36.29 -7.51
C LEU A 470 17.53 37.21 -6.80
N ASN A 471 16.23 36.92 -6.91
CA ASN A 471 15.27 37.75 -6.19
C ASN A 471 15.55 37.72 -4.70
N LEU A 472 15.92 36.56 -4.16
CA LEU A 472 16.28 36.50 -2.74
C LEU A 472 17.56 37.28 -2.46
N ILE A 473 18.55 37.15 -3.34
CA ILE A 473 19.85 37.80 -3.16
C ILE A 473 19.76 39.30 -3.32
N GLU A 474 18.65 39.80 -3.85
CA GLU A 474 18.43 41.24 -4.03
C GLU A 474 17.49 41.81 -2.99
N LYS A 475 16.25 41.31 -2.94
CA LYS A 475 15.24 41.89 -2.05
C LYS A 475 15.65 41.82 -0.58
N TYR A 476 16.57 40.95 -0.21
CA TYR A 476 16.95 40.77 1.19
C TYR A 476 18.45 40.75 1.41
N PHE A 477 19.23 40.43 0.40
CA PHE A 477 20.67 40.37 0.53
C PHE A 477 21.35 41.34 -0.45
N HIS B 4 0.25 24.11 1.03
CA HIS B 4 -0.60 24.79 0.01
C HIS B 4 -0.95 23.88 -1.17
N ALA B 5 -0.42 22.65 -1.17
CA ALA B 5 -0.67 21.74 -2.29
C ALA B 5 -0.44 20.30 -1.82
N LYS B 6 -1.54 19.58 -1.58
CA LYS B 6 -1.47 18.17 -1.23
C LYS B 6 -1.00 17.36 -2.43
N LYS B 7 0.06 16.59 -2.26
CA LYS B 7 0.72 15.89 -3.35
C LYS B 7 0.74 14.38 -3.13
N PRO B 8 1.01 13.59 -4.18
CA PRO B 8 1.08 12.13 -4.01
C PRO B 8 2.50 11.62 -3.86
N ARG B 9 2.68 10.31 -3.72
CA ARG B 9 4.02 9.74 -3.58
C ARG B 9 4.81 9.91 -4.87
N CYS C 3 1.65 -8.10 1.52
CA CYS C 3 0.65 -8.60 0.53
C CYS C 3 1.31 -8.91 -0.80
N HIS C 4 1.47 -10.20 -1.10
CA HIS C 4 2.05 -10.64 -2.36
C HIS C 4 0.94 -10.76 -3.40
N ALA C 5 1.17 -10.20 -4.58
CA ALA C 5 0.15 -10.25 -5.62
C ALA C 5 -0.26 -11.69 -5.92
N LYS C 6 0.71 -12.60 -5.94
CA LYS C 6 0.45 -14.02 -6.16
C LYS C 6 1.35 -14.82 -5.23
N LYS C 7 0.82 -15.94 -4.72
CA LYS C 7 1.59 -16.79 -3.82
C LYS C 7 1.28 -18.26 -4.09
N PRO C 8 2.29 -19.11 -4.20
CA PRO C 8 2.04 -20.55 -4.34
C PRO C 8 1.86 -21.22 -2.98
N ARG C 9 1.45 -22.48 -3.04
CA ARG C 9 1.35 -23.31 -1.84
C ARG C 9 2.53 -24.28 -1.81
N ILE C 10 3.24 -24.30 -0.69
CA ILE C 10 4.50 -25.04 -0.56
C ILE C 10 5.45 -24.58 -1.68
#